data_9K0I
#
_entry.id   9K0I
#
_cell.length_a   42.174
_cell.length_b   61.875
_cell.length_c   59.868
_cell.angle_alpha   90.000
_cell.angle_beta   97.830
_cell.angle_gamma   90.000
#
_symmetry.space_group_name_H-M   'P 1 21 1'
#
loop_
_entity.id
_entity.type
_entity.pdbx_description
1 polymer 'Fibroblast growth factor receptor 4'
2 non-polymer (2~{S})-~{N}-[2-[[5-[(1~{R})-1-[3,5-bis(chloranyl)pyridin-4-yl]ethoxy]-1~{H}-indazol-3-yl]amino]-3-fluoranyl-5-(4-morpholin-4-ylpiperidin-1-yl)phenyl]-2-cyano-3-cyclopropyl-propanamide
3 non-polymer 'SULFATE ION'
4 water water
#
_entity_poly.entity_id   1
_entity_poly.type   'polypeptide(L)'
_entity_poly.pdbx_seq_one_letter_code
;GPLLAGLVSLDLPLDPLWEFPRDRLVLGKPLGEGAFGQVVRAEAFGMDPARPDQASTVAVKMLKDNASDKDLADLVSEME
VMKLIGRHKNIINLLGVCTQEGPLYVIVECAAKGNLREFLRARRPPGPDLSPDGPRSSEGPLSFPVLVSCAYQVARGMQY
LESRKCIHRDLAARNVLVTEDNVMKIADFGLARGVHHIDYYKKTSNGRLPVKWMAPEALFDEVYTHQSDVWSFGILLWEI
FTLGGSPYPGIPVEELFSLLREGHRMDRPPHCPPELYGLMRECWHAAPSQRPTFKQLVEALDKVLLAVSEE
;
_entity_poly.pdbx_strand_id   A
#
loop_
_chem_comp.id
_chem_comp.type
_chem_comp.name
_chem_comp.formula
A1EEW non-polymer (2~{S})-~{N}-[2-[[5-[(1~{R})-1-[3,5-bis(chloranyl)pyridin-4-yl]ethoxy]-1~{H}-indazol-3-yl]amino]-3-fluoranyl-5-(4-morpholin-4-ylpiperidin-1-yl)phenyl]-2-cyano-3-cyclopropyl-propanamide 'C36 H39 Cl2 F N8 O3'
SO4 non-polymer 'SULFATE ION' 'O4 S -2'
#
# COMPACT_ATOMS: atom_id res chain seq x y z
N ASP A 11 -27.18 -14.80 1.33
CA ASP A 11 -27.06 -16.13 1.93
C ASP A 11 -26.01 -16.12 3.04
N LEU A 12 -25.14 -15.12 3.00
CA LEU A 12 -24.24 -14.84 4.11
C LEU A 12 -25.04 -14.17 5.23
N PRO A 13 -24.55 -14.23 6.48
CA PRO A 13 -25.30 -13.62 7.58
C PRO A 13 -25.38 -12.11 7.44
N LEU A 14 -26.48 -11.53 7.92
CA LEU A 14 -26.70 -10.10 7.83
C LEU A 14 -26.02 -9.34 8.96
N ASP A 15 -25.21 -8.35 8.60
CA ASP A 15 -24.59 -7.46 9.57
C ASP A 15 -25.04 -6.04 9.28
N PRO A 16 -26.20 -5.65 9.83
CA PRO A 16 -26.86 -4.36 9.56
C PRO A 16 -25.98 -3.14 9.83
N LEU A 17 -24.92 -3.33 10.62
CA LEU A 17 -23.96 -2.26 10.87
C LEU A 17 -23.26 -1.83 9.59
N TRP A 18 -22.88 -2.82 8.78
CA TRP A 18 -22.08 -2.56 7.59
C TRP A 18 -22.87 -2.73 6.29
N GLU A 19 -24.02 -3.38 6.37
CA GLU A 19 -24.80 -3.70 5.18
C GLU A 19 -25.23 -2.44 4.43
N PHE A 20 -25.10 -2.48 3.11
CA PHE A 20 -25.46 -1.36 2.25
C PHE A 20 -26.29 -1.87 1.09
N PRO A 21 -27.41 -1.21 0.78
CA PRO A 21 -28.28 -1.62 -0.33
C PRO A 21 -27.53 -1.58 -1.65
N ARG A 22 -27.41 -2.73 -2.31
CA ARG A 22 -26.65 -2.85 -3.55
C ARG A 22 -27.24 -1.99 -4.66
N ASP A 23 -28.54 -1.72 -4.56
CA ASP A 23 -29.23 -0.91 -5.56
C ASP A 23 -28.83 0.56 -5.46
N ARG A 24 -28.08 0.91 -4.42
CA ARG A 24 -27.57 2.27 -4.26
C ARG A 24 -26.17 2.38 -4.85
N LEU A 25 -25.72 1.30 -5.49
CA LEU A 25 -24.44 1.30 -6.18
C LEU A 25 -24.62 1.31 -7.70
N VAL A 26 -23.79 2.11 -8.37
CA VAL A 26 -23.74 2.08 -9.83
C VAL A 26 -22.31 1.74 -10.26
N LEU A 27 -22.11 0.51 -10.69
CA LEU A 27 -20.78 0.03 -11.04
C LEU A 27 -20.25 0.71 -12.30
N GLY A 28 -18.97 1.07 -12.27
CA GLY A 28 -18.33 1.74 -13.38
C GLY A 28 -17.17 0.94 -13.94
N LYS A 29 -16.07 1.63 -14.24
CA LYS A 29 -14.91 0.99 -14.85
C LYS A 29 -14.10 0.17 -13.86
N PRO A 30 -13.65 -1.02 -14.27
CA PRO A 30 -12.79 -1.89 -13.46
C PRO A 30 -11.39 -1.29 -13.31
N LEU A 31 -10.84 -1.37 -12.10
CA LEU A 31 -9.51 -0.83 -11.84
C LEU A 31 -8.41 -1.86 -12.04
N GLY A 32 -8.75 -3.12 -11.78
CA GLY A 32 -7.78 -4.20 -11.95
C GLY A 32 -8.26 -5.50 -11.34
N GLU A 33 -7.38 -6.50 -11.38
CA GLU A 33 -7.69 -7.82 -10.83
C GLU A 33 -6.69 -8.22 -9.76
N GLY A 34 -7.04 -9.25 -9.00
CA GLY A 34 -6.14 -9.81 -8.00
C GLY A 34 -6.10 -11.31 -8.09
N ALA A 35 -5.42 -11.95 -7.13
CA ALA A 35 -5.38 -13.41 -7.06
C ALA A 35 -6.78 -13.92 -6.74
N PHE A 36 -7.50 -13.15 -5.95
CA PHE A 36 -8.93 -13.39 -5.73
C PHE A 36 -9.68 -12.08 -5.87
N GLY A 37 -10.74 -12.10 -6.67
CA GLY A 37 -11.59 -10.93 -6.83
C GLY A 37 -11.05 -9.85 -7.75
N GLN A 38 -11.94 -8.93 -8.13
CA GLN A 38 -11.58 -7.79 -8.96
C GLN A 38 -12.08 -6.50 -8.31
N VAL A 39 -11.45 -5.38 -8.66
CA VAL A 39 -11.86 -4.10 -8.10
C VAL A 39 -12.48 -3.23 -9.18
N VAL A 40 -13.65 -2.66 -8.87
CA VAL A 40 -14.37 -1.84 -9.83
C VAL A 40 -14.70 -0.48 -9.20
N ARG A 41 -14.46 0.59 -9.95
CA ARG A 41 -14.90 1.91 -9.53
C ARG A 41 -16.43 1.96 -9.59
N ALA A 42 -17.05 2.67 -8.65
CA ALA A 42 -18.50 2.76 -8.63
C ALA A 42 -18.99 4.04 -7.98
N GLU A 43 -20.20 4.44 -8.31
CA GLU A 43 -20.85 5.56 -7.64
C GLU A 43 -21.77 5.02 -6.56
N ALA A 44 -21.81 5.70 -5.42
CA ALA A 44 -22.67 5.29 -4.32
C ALA A 44 -23.61 6.43 -3.94
N PHE A 45 -24.85 6.09 -3.58
CA PHE A 45 -25.83 7.08 -3.20
C PHE A 45 -26.34 6.83 -1.79
N GLY A 46 -26.02 7.76 -0.89
CA GLY A 46 -26.47 7.67 0.49
C GLY A 46 -25.58 6.82 1.38
N MET A 47 -24.29 6.78 1.06
CA MET A 47 -23.33 6.09 1.92
C MET A 47 -23.38 6.69 3.32
N ASP A 48 -23.55 8.01 3.36
CA ASP A 48 -23.90 8.71 4.60
C ASP A 48 -25.42 8.70 4.72
N PRO A 49 -25.95 7.98 5.72
CA PRO A 49 -27.40 7.81 5.87
C PRO A 49 -28.13 9.12 6.15
N ALA A 50 -27.40 10.15 6.56
CA ALA A 50 -27.99 11.45 6.82
C ALA A 50 -28.26 12.20 5.52
N ARG A 51 -27.57 11.78 4.46
CA ARG A 51 -27.76 12.36 3.13
C ARG A 51 -28.00 11.27 2.10
N PRO A 52 -29.22 10.74 2.06
CA PRO A 52 -29.60 9.56 1.27
C PRO A 52 -29.43 9.70 -0.24
N ASP A 53 -29.45 10.93 -0.75
CA ASP A 53 -29.38 11.14 -2.19
C ASP A 53 -28.05 11.70 -2.66
N GLN A 54 -27.12 11.92 -1.74
CA GLN A 54 -25.82 12.49 -2.12
C GLN A 54 -24.94 11.42 -2.76
N ALA A 55 -24.15 11.83 -3.74
CA ALA A 55 -23.32 10.91 -4.49
C ALA A 55 -21.89 10.90 -3.98
N SER A 56 -21.26 9.73 -4.00
CA SER A 56 -19.84 9.61 -3.67
C SER A 56 -19.21 8.54 -4.55
N THR A 57 -17.90 8.65 -4.77
CA THR A 57 -17.17 7.66 -5.54
C THR A 57 -16.51 6.67 -4.61
N VAL A 58 -16.74 5.38 -4.87
CA VAL A 58 -16.20 4.32 -4.03
C VAL A 58 -15.57 3.21 -4.86
N ALA A 59 -14.83 2.32 -4.20
CA ALA A 59 -14.28 1.15 -4.86
C ALA A 59 -15.02 -0.08 -4.37
N VAL A 60 -15.36 -0.98 -5.30
CA VAL A 60 -16.12 -2.17 -4.95
C VAL A 60 -15.33 -3.43 -5.23
N LYS A 61 -15.01 -4.17 -4.17
CA LYS A 61 -14.37 -5.47 -4.30
C LYS A 61 -15.43 -6.54 -4.47
N MET A 62 -15.20 -7.44 -5.42
CA MET A 62 -16.16 -8.49 -5.73
C MET A 62 -15.45 -9.70 -6.29
N LEU A 63 -16.06 -10.87 -6.17
CA LEU A 63 -15.53 -12.05 -6.80
C LEU A 63 -15.58 -11.88 -8.32
N LYS A 64 -14.63 -12.49 -9.00
CA LYS A 64 -14.68 -12.63 -10.45
C LYS A 64 -15.69 -13.73 -10.78
N ASP A 65 -15.76 -14.13 -12.04
CA ASP A 65 -16.53 -15.31 -12.42
C ASP A 65 -15.59 -16.50 -12.52
N ASN A 66 -14.43 -16.33 -11.89
CA ASN A 66 -13.46 -17.39 -11.66
C ASN A 66 -13.87 -18.10 -10.36
N ALA A 67 -14.90 -17.52 -9.75
CA ALA A 67 -15.26 -17.75 -8.35
C ALA A 67 -15.36 -19.20 -7.92
N SER A 68 -14.36 -19.65 -7.17
CA SER A 68 -14.46 -20.89 -6.42
C SER A 68 -14.89 -20.54 -4.99
N ASP A 69 -14.94 -21.53 -4.12
CA ASP A 69 -15.32 -21.28 -2.73
C ASP A 69 -14.16 -20.71 -1.94
N LYS A 70 -12.94 -21.09 -2.32
CA LYS A 70 -11.75 -20.54 -1.70
C LYS A 70 -11.64 -19.05 -2.00
N ASP A 71 -12.03 -18.67 -3.21
CA ASP A 71 -12.06 -17.26 -3.60
C ASP A 71 -13.08 -16.52 -2.74
N LEU A 72 -14.24 -17.11 -2.55
CA LEU A 72 -15.30 -16.54 -1.73
C LEU A 72 -14.86 -16.44 -0.27
N ALA A 73 -14.25 -17.52 0.22
CA ALA A 73 -13.77 -17.57 1.60
C ALA A 73 -12.73 -16.48 1.86
N ASP A 74 -11.85 -16.26 0.90
CA ASP A 74 -10.81 -15.23 1.02
C ASP A 74 -11.41 -13.83 1.08
N LEU A 75 -12.40 -13.57 0.22
CA LEU A 75 -13.04 -12.26 0.17
C LEU A 75 -13.82 -11.99 1.46
N VAL A 76 -14.56 -13.00 1.91
CA VAL A 76 -15.27 -12.91 3.19
C VAL A 76 -14.29 -12.69 4.31
N SER A 77 -13.16 -13.39 4.25
CA SER A 77 -12.09 -13.23 5.23
C SER A 77 -11.55 -11.81 5.24
N GLU A 78 -11.36 -11.23 4.06
CA GLU A 78 -10.87 -9.86 3.95
C GLU A 78 -11.90 -8.87 4.48
N MET A 79 -13.17 -9.13 4.16
CA MET A 79 -14.26 -8.28 4.62
C MET A 79 -14.29 -8.19 6.14
N GLU A 80 -14.16 -9.34 6.80
CA GLU A 80 -14.23 -9.40 8.26
C GLU A 80 -13.02 -8.75 8.91
N VAL A 81 -11.86 -8.85 8.26
CA VAL A 81 -10.67 -8.16 8.73
C VAL A 81 -10.89 -6.65 8.70
N MET A 82 -11.44 -6.17 7.59
CA MET A 82 -11.75 -4.75 7.41
C MET A 82 -12.62 -4.21 8.54
N LYS A 83 -13.66 -4.96 8.91
CA LYS A 83 -14.58 -4.55 9.98
C LYS A 83 -13.87 -4.34 11.31
N LEU A 84 -12.95 -5.25 11.63
CA LEU A 84 -12.31 -5.29 12.94
C LEU A 84 -11.18 -4.27 13.09
N ILE A 85 -10.53 -3.95 11.98
CA ILE A 85 -9.42 -3.00 11.99
C ILE A 85 -9.89 -1.60 12.42
N GLY A 86 -11.02 -1.17 11.88
CA GLY A 86 -11.57 0.13 12.21
C GLY A 86 -11.16 1.19 11.21
N ARG A 87 -11.39 2.46 11.56
CA ARG A 87 -11.12 3.57 10.66
C ARG A 87 -9.85 4.32 11.03
N HIS A 88 -9.06 4.67 10.03
CA HIS A 88 -7.88 5.50 10.24
C HIS A 88 -7.57 6.33 9.00
N LYS A 89 -7.02 7.52 9.22
CA LYS A 89 -6.74 8.47 8.14
C LYS A 89 -5.82 7.92 7.07
N ASN A 90 -4.89 7.04 7.47
CA ASN A 90 -3.85 6.59 6.56
C ASN A 90 -4.00 5.16 6.07
N ILE A 91 -5.23 4.67 6.06
CA ILE A 91 -5.54 3.38 5.44
C ILE A 91 -6.77 3.52 4.55
N ILE A 92 -6.94 2.58 3.62
CA ILE A 92 -8.17 2.50 2.84
C ILE A 92 -9.24 1.85 3.69
N ASN A 93 -10.26 2.64 4.04
CA ASN A 93 -11.26 2.19 5.01
C ASN A 93 -12.45 1.47 4.37
N LEU A 94 -13.03 0.55 5.13
CA LEU A 94 -14.28 -0.09 4.75
C LEU A 94 -15.42 0.91 4.89
N LEU A 95 -16.30 0.95 3.90
CA LEU A 95 -17.45 1.86 3.95
C LEU A 95 -18.73 1.09 4.15
N GLY A 96 -18.84 -0.07 3.50
CA GLY A 96 -20.01 -0.91 3.61
C GLY A 96 -19.81 -2.24 2.90
N VAL A 97 -20.81 -3.11 3.00
CA VAL A 97 -20.77 -4.40 2.33
C VAL A 97 -22.15 -4.76 1.75
N CYS A 98 -22.14 -5.62 0.72
CA CYS A 98 -23.38 -6.14 0.16
C CYS A 98 -23.33 -7.66 0.20
N THR A 99 -24.12 -8.26 1.09
CA THR A 99 -24.07 -9.71 1.29
C THR A 99 -25.43 -10.38 1.06
N GLN A 100 -26.48 -9.58 0.93
CA GLN A 100 -27.84 -10.12 0.83
C GLN A 100 -28.41 -9.98 -0.58
N GLU A 101 -29.01 -11.07 -1.06
CA GLU A 101 -29.74 -11.09 -2.33
C GLU A 101 -28.90 -10.58 -3.50
N GLY A 102 -27.78 -11.23 -3.75
CA GLY A 102 -26.89 -10.84 -4.82
C GLY A 102 -25.46 -11.21 -4.52
N PRO A 103 -24.53 -10.86 -5.43
CA PRO A 103 -23.11 -11.17 -5.26
C PRO A 103 -22.49 -10.41 -4.08
N LEU A 104 -21.38 -10.91 -3.57
CA LEU A 104 -20.70 -10.28 -2.44
C LEU A 104 -19.92 -9.05 -2.87
N TYR A 105 -20.27 -7.90 -2.28
CA TYR A 105 -19.55 -6.66 -2.53
C TYR A 105 -18.88 -6.15 -1.26
N VAL A 106 -17.59 -5.80 -1.37
CA VAL A 106 -16.88 -5.17 -0.28
C VAL A 106 -16.49 -3.75 -0.69
N ILE A 107 -17.18 -2.76 -0.12
CA ILE A 107 -17.05 -1.38 -0.54
C ILE A 107 -16.03 -0.60 0.30
N VAL A 108 -15.03 -0.02 -0.35
CA VAL A 108 -13.99 0.72 0.33
C VAL A 108 -13.81 2.13 -0.24
N GLU A 109 -12.88 2.89 0.34
CA GLU A 109 -12.68 4.29 -0.01
C GLU A 109 -12.02 4.52 -1.37
N CYS A 110 -12.27 5.71 -1.93
CA CYS A 110 -11.65 6.13 -3.18
C CYS A 110 -10.44 7.02 -2.94
N ALA A 111 -9.34 6.70 -3.59
CA ALA A 111 -8.18 7.58 -3.62
C ALA A 111 -7.98 8.06 -5.06
N ALA A 112 -8.09 9.38 -5.24
CA ALA A 112 -8.19 9.97 -6.57
C ALA A 112 -6.93 9.82 -7.44
N LYS A 113 -5.75 9.73 -6.82
CA LYS A 113 -4.51 9.86 -7.57
C LYS A 113 -3.75 8.55 -7.84
N GLY A 114 -4.38 7.40 -7.60
CA GLY A 114 -3.74 6.13 -7.86
C GLY A 114 -2.75 5.74 -6.78
N ASN A 115 -1.86 4.78 -7.07
CA ASN A 115 -0.92 4.33 -6.06
C ASN A 115 0.32 5.22 -5.98
N LEU A 116 1.06 5.07 -4.88
CA LEU A 116 2.19 5.94 -4.57
C LEU A 116 3.34 5.81 -5.58
N ARG A 117 3.53 4.61 -6.11
CA ARG A 117 4.61 4.38 -7.08
C ARG A 117 4.40 5.19 -8.36
N GLU A 118 3.23 5.07 -8.95
CA GLU A 118 2.93 5.79 -10.19
C GLU A 118 2.81 7.29 -9.94
N PHE A 119 2.38 7.65 -8.74
CA PHE A 119 2.30 9.06 -8.33
C PHE A 119 3.67 9.72 -8.43
N LEU A 120 4.69 9.04 -7.90
CA LEU A 120 6.04 9.58 -7.89
C LEU A 120 6.68 9.55 -9.28
N ARG A 121 6.49 8.45 -10.00
CA ARG A 121 7.08 8.29 -11.33
C ARG A 121 6.53 9.31 -12.33
N ALA A 122 5.26 9.65 -12.19
CA ALA A 122 4.63 10.63 -13.07
C ALA A 122 5.04 12.05 -12.71
N ARG A 123 5.66 12.21 -11.55
CA ARG A 123 6.03 13.54 -11.07
C ARG A 123 7.54 13.68 -10.89
N ARG A 124 8.29 12.86 -11.60
CA ARG A 124 9.75 13.01 -11.65
C ARG A 124 10.08 14.32 -12.36
N PRO A 125 11.10 15.04 -11.86
CA PRO A 125 11.47 16.34 -12.43
C PRO A 125 11.84 16.25 -13.90
N PRO A 126 11.59 17.33 -14.67
CA PRO A 126 11.89 17.34 -16.10
C PRO A 126 13.38 17.17 -16.37
N GLY A 127 13.72 16.31 -17.33
CA GLY A 127 15.11 16.08 -17.68
C GLY A 127 15.71 17.24 -18.45
N PRO A 128 16.99 17.11 -18.82
CA PRO A 128 17.74 18.16 -19.55
C PRO A 128 17.36 18.31 -21.02
N ASP A 129 16.22 17.74 -21.41
CA ASP A 129 15.84 17.61 -22.80
C ASP A 129 14.71 18.55 -23.18
N LEU A 130 13.79 18.78 -22.25
CA LEU A 130 12.68 19.70 -22.48
C LEU A 130 13.14 21.14 -22.31
N SER A 131 12.66 22.01 -23.18
CA SER A 131 13.08 23.41 -23.18
C SER A 131 12.54 24.16 -21.96
N PRO A 132 13.35 25.08 -21.42
CA PRO A 132 12.91 25.94 -20.31
C PRO A 132 11.75 26.84 -20.73
N ASP A 133 10.73 26.95 -19.88
CA ASP A 133 9.56 27.74 -20.21
C ASP A 133 9.27 28.18 -18.78
N GLY A 134 9.41 29.48 -18.52
CA GLY A 134 8.90 30.12 -17.31
C GLY A 134 9.91 30.09 -16.18
N PRO A 135 9.54 30.68 -15.03
CA PRO A 135 10.41 30.80 -13.86
C PRO A 135 10.60 29.49 -13.08
N ARG A 136 9.84 28.45 -13.42
CA ARG A 136 9.90 27.20 -12.67
C ARG A 136 10.21 26.01 -13.55
N SER A 137 11.02 26.24 -14.59
CA SER A 137 11.38 25.18 -15.53
C SER A 137 12.24 24.09 -14.89
N SER A 138 12.95 24.46 -13.83
CA SER A 138 13.82 23.51 -13.13
C SER A 138 13.12 22.89 -11.93
N GLU A 139 12.01 23.50 -11.52
CA GLU A 139 11.31 23.07 -10.31
C GLU A 139 10.24 22.03 -10.61
N GLY A 140 10.47 20.81 -10.15
CA GLY A 140 9.50 19.73 -10.34
C GLY A 140 8.42 19.75 -9.28
N PRO A 141 7.36 18.97 -9.49
CA PRO A 141 6.22 18.90 -8.57
C PRO A 141 6.60 18.38 -7.18
N LEU A 142 7.59 17.48 -7.12
CA LEU A 142 7.95 16.82 -5.86
C LEU A 142 9.05 17.58 -5.11
N SER A 143 8.77 17.89 -3.85
CA SER A 143 9.76 18.50 -2.97
C SER A 143 10.13 17.54 -1.86
N PHE A 144 11.24 17.81 -1.20
CA PHE A 144 11.73 16.94 -0.13
C PHE A 144 10.78 16.81 1.07
N PRO A 145 10.23 17.94 1.59
CA PRO A 145 9.33 17.76 2.74
C PRO A 145 8.09 16.93 2.42
N VAL A 146 7.59 17.03 1.20
CA VAL A 146 6.41 16.27 0.79
C VAL A 146 6.74 14.77 0.72
N LEU A 147 7.95 14.45 0.26
CA LEU A 147 8.42 13.07 0.21
C LEU A 147 8.53 12.50 1.63
N VAL A 148 9.01 13.32 2.55
CA VAL A 148 9.11 12.93 3.95
C VAL A 148 7.72 12.71 4.54
N SER A 149 6.80 13.60 4.19
CA SER A 149 5.42 13.51 4.65
C SER A 149 4.78 12.21 4.17
N CYS A 150 5.04 11.82 2.93
CA CYS A 150 4.54 10.56 2.38
C CYS A 150 5.03 9.38 3.21
N ALA A 151 6.32 9.39 3.53
CA ALA A 151 6.92 8.33 4.35
C ALA A 151 6.34 8.33 5.76
N TYR A 152 6.15 9.51 6.32
CA TYR A 152 5.61 9.66 7.67
C TYR A 152 4.18 9.11 7.76
N GLN A 153 3.36 9.43 6.76
CA GLN A 153 1.97 9.00 6.77
C GLN A 153 1.82 7.48 6.69
N VAL A 154 2.64 6.86 5.86
CA VAL A 154 2.63 5.41 5.72
C VAL A 154 3.01 4.76 7.05
N ALA A 155 4.00 5.36 7.73
CA ALA A 155 4.46 4.87 9.02
C ALA A 155 3.34 4.92 10.08
N ARG A 156 2.61 6.04 10.09
CA ARG A 156 1.49 6.18 11.03
C ARG A 156 0.37 5.19 10.72
N GLY A 157 0.13 4.95 9.43
CA GLY A 157 -0.87 4.00 9.00
C GLY A 157 -0.51 2.59 9.43
N MET A 158 0.77 2.23 9.27
CA MET A 158 1.26 0.92 9.69
C MET A 158 1.26 0.80 11.20
N GLN A 159 1.58 1.89 11.89
CA GLN A 159 1.53 1.91 13.36
C GLN A 159 0.13 1.58 13.85
N TYR A 160 -0.87 2.15 13.20
CA TYR A 160 -2.26 1.86 13.54
C TYR A 160 -2.58 0.39 13.29
N LEU A 161 -2.22 -0.10 12.11
CA LEU A 161 -2.46 -1.49 11.75
C LEU A 161 -1.78 -2.44 12.74
N GLU A 162 -0.58 -2.10 13.16
CA GLU A 162 0.16 -2.89 14.15
C GLU A 162 -0.60 -2.94 15.47
N SER A 163 -1.11 -1.78 15.89
CA SER A 163 -1.86 -1.69 17.15
C SER A 163 -3.14 -2.52 17.09
N ARG A 164 -3.59 -2.81 15.88
CA ARG A 164 -4.78 -3.63 15.67
C ARG A 164 -4.39 -5.07 15.30
N LYS A 165 -3.16 -5.44 15.62
CA LYS A 165 -2.65 -6.79 15.39
C LYS A 165 -2.70 -7.21 13.93
N CYS A 166 -2.51 -6.25 13.02
CA CYS A 166 -2.55 -6.54 11.59
C CYS A 166 -1.17 -6.50 10.95
N ILE A 167 -0.79 -7.59 10.28
CA ILE A 167 0.44 -7.64 9.51
C ILE A 167 0.08 -7.57 8.02
N HIS A 168 0.74 -6.66 7.31
CA HIS A 168 0.39 -6.41 5.91
C HIS A 168 0.91 -7.51 4.99
N ARG A 169 2.19 -7.85 5.17
CA ARG A 169 2.87 -8.95 4.46
C ARG A 169 3.22 -8.63 3.00
N ASP A 170 2.87 -7.44 2.54
CA ASP A 170 3.31 -6.98 1.21
C ASP A 170 3.29 -5.46 1.12
N LEU A 171 3.89 -4.80 2.11
CA LEU A 171 3.95 -3.34 2.13
C LEU A 171 4.85 -2.82 1.02
N ALA A 172 4.28 -2.01 0.13
CA ALA A 172 5.00 -1.45 -0.99
C ALA A 172 4.30 -0.18 -1.49
N ALA A 173 5.03 0.60 -2.27
CA ALA A 173 4.52 1.87 -2.85
C ALA A 173 3.30 1.58 -3.73
N ARG A 174 3.27 0.41 -4.35
CA ARG A 174 2.16 -0.03 -5.22
C ARG A 174 0.89 -0.26 -4.39
N ASN A 175 1.06 -0.64 -3.12
CA ASN A 175 -0.05 -0.90 -2.18
C ASN A 175 -0.36 0.30 -1.30
N VAL A 176 0.19 1.47 -1.61
CA VAL A 176 -0.16 2.71 -0.91
C VAL A 176 -0.84 3.65 -1.89
N LEU A 177 -2.05 4.08 -1.55
CA LEU A 177 -2.83 4.92 -2.47
C LEU A 177 -2.78 6.40 -2.07
N VAL A 178 -2.98 7.27 -3.05
CA VAL A 178 -2.87 8.70 -2.83
C VAL A 178 -4.20 9.41 -3.09
N THR A 179 -4.67 10.16 -2.10
CA THR A 179 -5.95 10.87 -2.23
C THR A 179 -5.78 12.18 -2.97
N GLU A 180 -6.88 12.92 -3.12
CA GLU A 180 -6.87 14.20 -3.80
C GLU A 180 -6.02 15.23 -3.06
N ASP A 181 -5.88 15.05 -1.75
CA ASP A 181 -5.11 15.97 -0.93
C ASP A 181 -3.75 15.38 -0.56
N ASN A 182 -3.29 14.44 -1.38
CA ASN A 182 -2.00 13.77 -1.20
C ASN A 182 -1.85 13.10 0.17
N VAL A 183 -2.94 12.53 0.65
CA VAL A 183 -2.91 11.74 1.88
C VAL A 183 -2.62 10.28 1.54
N MET A 184 -1.63 9.70 2.21
CA MET A 184 -1.28 8.31 1.98
C MET A 184 -2.30 7.38 2.63
N LYS A 185 -2.77 6.39 1.87
CA LYS A 185 -3.70 5.39 2.40
C LYS A 185 -3.26 3.99 2.03
N ILE A 186 -2.88 3.22 3.04
CA ILE A 186 -2.44 1.85 2.85
C ILE A 186 -3.60 0.96 2.41
N ALA A 187 -3.39 0.21 1.34
CA ALA A 187 -4.44 -0.64 0.78
C ALA A 187 -4.09 -2.12 0.86
N ASP A 188 -5.10 -2.97 0.80
CA ASP A 188 -4.94 -4.42 0.79
C ASP A 188 -4.15 -4.96 1.97
N PHE A 189 -4.46 -4.47 3.17
CA PHE A 189 -3.75 -4.87 4.38
C PHE A 189 -4.30 -6.15 4.98
N GLY A 190 -5.52 -6.53 4.60
CA GLY A 190 -6.14 -7.72 5.16
C GLY A 190 -6.36 -8.82 4.14
N LEU A 191 -5.33 -9.10 3.34
CA LEU A 191 -5.42 -10.13 2.30
C LEU A 191 -4.81 -11.45 2.71
N ALA A 192 -5.51 -12.54 2.41
CA ALA A 192 -4.92 -13.87 2.49
C ALA A 192 -4.05 -14.07 1.25
N ARG A 193 -2.73 -13.96 1.43
CA ARG A 193 -1.83 -13.90 0.30
C ARG A 193 -1.15 -15.24 -0.02
N GLY A 194 -1.63 -16.31 0.60
CA GLY A 194 -1.10 -17.64 0.35
C GLY A 194 0.40 -17.73 0.63
N VAL A 195 0.76 -17.58 1.90
CA VAL A 195 2.16 -17.47 2.29
C VAL A 195 2.91 -18.80 2.21
N HIS A 196 2.19 -19.89 1.98
CA HIS A 196 2.81 -21.21 1.94
C HIS A 196 3.00 -21.71 0.52
N HIS A 197 2.61 -20.90 -0.46
CA HIS A 197 2.83 -21.26 -1.86
C HIS A 197 3.36 -20.21 -2.82
N ILE A 198 4.03 -19.20 -2.26
CA ILE A 198 4.43 -18.01 -3.01
C ILE A 198 5.32 -18.37 -4.20
N ASP A 199 4.95 -17.90 -5.38
CA ASP A 199 5.83 -17.99 -6.54
C ASP A 199 6.84 -16.85 -6.47
N TYR A 200 8.04 -17.16 -6.01
CA TYR A 200 9.05 -16.14 -5.77
C TYR A 200 9.59 -15.52 -7.07
N TYR A 201 9.47 -16.25 -8.17
CA TYR A 201 9.94 -15.76 -9.46
C TYR A 201 8.85 -15.00 -10.22
N LYS A 202 7.66 -14.96 -9.64
CA LYS A 202 6.51 -14.32 -10.30
C LYS A 202 6.73 -12.83 -10.54
N LYS A 203 6.48 -12.40 -11.76
CA LYS A 203 6.55 -10.99 -12.13
C LYS A 203 5.17 -10.50 -12.53
N THR A 204 4.72 -9.39 -11.95
CA THR A 204 3.40 -8.86 -12.27
C THR A 204 3.36 -8.29 -13.68
N SER A 205 2.17 -7.94 -14.14
CA SER A 205 1.97 -7.40 -15.48
C SER A 205 2.71 -6.08 -15.67
N ASN A 206 2.99 -5.40 -14.57
CA ASN A 206 3.71 -4.12 -14.62
C ASN A 206 5.17 -4.28 -14.21
N GLY A 207 5.66 -5.51 -14.24
CA GLY A 207 7.07 -5.78 -14.05
C GLY A 207 7.56 -5.85 -12.61
N ARG A 208 6.63 -5.87 -11.65
CA ARG A 208 7.01 -5.90 -10.25
C ARG A 208 7.37 -7.32 -9.79
N LEU A 209 8.46 -7.42 -9.05
CA LEU A 209 8.86 -8.67 -8.40
C LEU A 209 8.65 -8.53 -6.89
N PRO A 210 7.47 -8.94 -6.40
CA PRO A 210 7.07 -8.75 -5.00
C PRO A 210 8.02 -9.38 -3.98
N VAL A 211 8.85 -10.31 -4.42
CA VAL A 211 9.80 -10.98 -3.53
C VAL A 211 10.82 -9.98 -2.98
N LYS A 212 11.03 -8.88 -3.72
CA LYS A 212 12.03 -7.89 -3.34
C LYS A 212 11.59 -7.02 -2.16
N TRP A 213 10.36 -7.22 -1.70
CA TRP A 213 9.85 -6.51 -0.54
C TRP A 213 9.79 -7.40 0.70
N MET A 214 10.10 -8.68 0.53
CA MET A 214 10.01 -9.65 1.61
C MET A 214 11.19 -9.57 2.57
N ALA A 215 10.89 -9.57 3.86
CA ALA A 215 11.94 -9.69 4.88
C ALA A 215 12.59 -11.06 4.77
N PRO A 216 13.88 -11.16 5.14
CA PRO A 216 14.60 -12.44 5.06
C PRO A 216 13.91 -13.56 5.83
N GLU A 217 13.39 -13.27 7.02
CA GLU A 217 12.72 -14.29 7.81
C GLU A 217 11.41 -14.72 7.14
N ALA A 218 10.80 -13.80 6.39
CA ALA A 218 9.59 -14.11 5.65
C ALA A 218 9.91 -14.96 4.42
N LEU A 219 10.94 -14.54 3.70
CA LEU A 219 11.34 -15.24 2.48
C LEU A 219 11.90 -16.63 2.78
N PHE A 220 12.82 -16.71 3.73
CA PHE A 220 13.53 -17.95 3.98
C PHE A 220 12.85 -18.86 5.00
N ASP A 221 12.16 -18.29 5.98
CA ASP A 221 11.58 -19.09 7.06
C ASP A 221 10.05 -19.05 7.10
N GLU A 222 9.45 -18.29 6.19
CA GLU A 222 7.99 -18.08 6.16
C GLU A 222 7.47 -17.52 7.48
N VAL A 223 8.27 -16.66 8.10
CA VAL A 223 7.88 -16.02 9.37
C VAL A 223 7.48 -14.58 9.15
N TYR A 224 6.27 -14.23 9.56
CA TYR A 224 5.79 -12.85 9.45
C TYR A 224 5.51 -12.24 10.82
N THR A 225 6.14 -11.10 11.08
CA THR A 225 5.83 -10.30 12.25
C THR A 225 5.66 -8.85 11.79
N HIS A 226 5.38 -7.95 12.73
CA HIS A 226 5.30 -6.54 12.42
C HIS A 226 6.68 -6.02 12.03
N GLN A 227 7.73 -6.70 12.50
CA GLN A 227 9.09 -6.33 12.18
C GLN A 227 9.45 -6.71 10.74
N SER A 228 8.75 -7.71 10.20
CA SER A 228 8.95 -8.09 8.81
C SER A 228 8.33 -7.02 7.92
N ASP A 229 7.27 -6.39 8.41
CA ASP A 229 6.67 -5.24 7.73
C ASP A 229 7.61 -4.03 7.76
N VAL A 230 8.36 -3.90 8.85
CA VAL A 230 9.34 -2.81 8.98
C VAL A 230 10.42 -2.92 7.91
N TRP A 231 10.86 -4.15 7.64
CA TRP A 231 11.76 -4.40 6.52
C TRP A 231 11.16 -3.86 5.23
N SER A 232 9.92 -4.23 4.96
CA SER A 232 9.21 -3.80 3.76
C SER A 232 9.11 -2.28 3.70
N PHE A 233 8.90 -1.65 4.85
CA PHE A 233 8.80 -0.20 4.93
C PHE A 233 10.12 0.46 4.54
N GLY A 234 11.21 -0.19 4.89
CA GLY A 234 12.53 0.27 4.48
C GLY A 234 12.66 0.25 2.97
N ILE A 235 12.14 -0.80 2.35
CA ILE A 235 12.11 -0.88 0.89
C ILE A 235 11.25 0.23 0.30
N LEU A 236 10.09 0.45 0.92
CA LEU A 236 9.17 1.49 0.49
C LEU A 236 9.81 2.87 0.61
N LEU A 237 10.63 3.05 1.64
CA LEU A 237 11.39 4.28 1.82
C LEU A 237 12.31 4.52 0.63
N TRP A 238 12.94 3.44 0.17
CA TRP A 238 13.84 3.49 -0.97
C TRP A 238 13.06 3.85 -2.24
N GLU A 239 11.86 3.29 -2.39
CA GLU A 239 10.98 3.62 -3.50
C GLU A 239 10.66 5.11 -3.54
N ILE A 240 10.29 5.66 -2.40
CA ILE A 240 9.91 7.07 -2.30
C ILE A 240 11.03 8.01 -2.75
N PHE A 241 12.23 7.80 -2.22
CA PHE A 241 13.32 8.72 -2.50
C PHE A 241 14.13 8.34 -3.73
N THR A 242 13.62 7.35 -4.48
CA THR A 242 14.07 7.13 -5.85
C THR A 242 12.96 7.57 -6.79
N LEU A 243 11.94 8.18 -6.22
CA LEU A 243 10.78 8.70 -6.96
C LEU A 243 10.09 7.59 -7.74
N GLY A 244 9.86 6.45 -7.07
CA GLY A 244 9.15 5.35 -7.68
C GLY A 244 10.04 4.37 -8.43
N GLY A 245 11.26 4.18 -7.94
CA GLY A 245 12.18 3.24 -8.57
C GLY A 245 11.97 1.81 -8.09
N SER A 246 12.34 0.85 -8.94
CA SER A 246 12.26 -0.56 -8.57
C SER A 246 13.48 -0.97 -7.77
N PRO A 247 13.27 -1.64 -6.62
CA PRO A 247 14.35 -2.03 -5.71
C PRO A 247 15.31 -3.03 -6.33
N TYR A 248 16.53 -3.09 -5.80
CA TYR A 248 17.58 -3.98 -6.29
C TYR A 248 17.83 -3.97 -7.80
N PRO A 249 18.14 -2.77 -8.35
CA PRO A 249 18.14 -2.52 -9.80
C PRO A 249 18.94 -3.56 -10.59
N GLY A 250 18.29 -4.18 -11.58
CA GLY A 250 18.95 -5.11 -12.48
C GLY A 250 19.33 -6.42 -11.83
N ILE A 251 18.69 -6.74 -10.71
CA ILE A 251 18.98 -7.99 -10.01
C ILE A 251 17.79 -8.95 -10.12
N PRO A 252 17.99 -10.07 -10.82
CA PRO A 252 16.94 -11.08 -10.95
C PRO A 252 16.71 -11.81 -9.64
N VAL A 253 15.61 -12.57 -9.54
CA VAL A 253 15.25 -13.26 -8.31
C VAL A 253 16.34 -14.24 -7.84
N GLU A 254 16.93 -14.97 -8.80
CA GLU A 254 17.97 -15.94 -8.47
C GLU A 254 19.16 -15.26 -7.79
N GLU A 255 19.55 -14.09 -8.30
CA GLU A 255 20.66 -13.35 -7.72
C GLU A 255 20.26 -12.72 -6.39
N LEU A 256 18.99 -12.35 -6.26
CA LEU A 256 18.48 -11.79 -5.01
C LEU A 256 18.66 -12.76 -3.85
N PHE A 257 18.36 -14.03 -4.10
CA PHE A 257 18.50 -15.08 -3.09
C PHE A 257 19.90 -15.14 -2.49
N SER A 258 20.91 -15.22 -3.36
CA SER A 258 22.30 -15.35 -2.92
C SER A 258 22.82 -14.07 -2.29
N LEU A 259 22.41 -12.92 -2.84
CA LEU A 259 22.84 -11.63 -2.29
C LEU A 259 22.28 -11.41 -0.89
N LEU A 260 21.02 -11.79 -0.70
CA LEU A 260 20.38 -11.66 0.62
C LEU A 260 21.03 -12.60 1.63
N ARG A 261 21.46 -13.77 1.17
CA ARG A 261 22.17 -14.71 2.04
C ARG A 261 23.57 -14.20 2.37
N GLU A 262 24.09 -13.30 1.55
CA GLU A 262 25.40 -12.70 1.80
C GLU A 262 25.26 -11.40 2.57
N GLY A 263 24.04 -10.99 2.85
CA GLY A 263 23.78 -9.79 3.62
C GLY A 263 23.86 -8.51 2.80
N HIS A 264 23.76 -8.64 1.48
CA HIS A 264 23.77 -7.49 0.59
C HIS A 264 22.63 -6.53 0.89
N ARG A 265 22.92 -5.23 0.81
CA ARG A 265 21.91 -4.20 1.00
C ARG A 265 21.96 -3.21 -0.15
N MET A 266 20.86 -2.52 -0.42
CA MET A 266 20.81 -1.52 -1.46
C MET A 266 21.70 -0.32 -1.14
N ASP A 267 22.26 0.29 -2.17
CA ASP A 267 23.07 1.49 -2.02
C ASP A 267 22.23 2.70 -1.65
N ARG A 268 22.89 3.73 -1.14
CA ARG A 268 22.24 5.01 -0.91
C ARG A 268 21.89 5.65 -2.24
N PRO A 269 20.60 5.86 -2.49
CA PRO A 269 20.14 6.45 -3.76
C PRO A 269 20.55 7.92 -3.89
N PRO A 270 20.65 8.43 -5.13
CA PRO A 270 21.03 9.82 -5.36
C PRO A 270 20.04 10.81 -4.74
N HIS A 271 20.55 11.97 -4.33
CA HIS A 271 19.72 13.04 -3.78
C HIS A 271 18.88 12.57 -2.60
N CYS A 272 19.45 11.68 -1.79
CA CYS A 272 18.80 11.19 -0.59
C CYS A 272 19.68 11.46 0.62
N PRO A 273 19.20 12.29 1.56
CA PRO A 273 19.97 12.64 2.76
C PRO A 273 20.31 11.43 3.60
N PRO A 274 21.42 11.49 4.33
CA PRO A 274 21.89 10.35 5.13
C PRO A 274 20.92 9.96 6.24
N GLU A 275 20.13 10.91 6.71
CA GLU A 275 19.11 10.63 7.73
C GLU A 275 18.17 9.52 7.28
N LEU A 276 17.74 9.59 6.02
CA LEU A 276 16.74 8.68 5.51
C LEU A 276 17.33 7.36 5.04
N TYR A 277 18.56 7.39 4.52
CA TYR A 277 19.23 6.15 4.16
C TYR A 277 19.61 5.40 5.43
N GLY A 278 19.86 6.15 6.50
CA GLY A 278 20.13 5.57 7.79
C GLY A 278 18.93 4.76 8.28
N LEU A 279 17.75 5.34 8.16
CA LEU A 279 16.51 4.65 8.53
C LEU A 279 16.30 3.39 7.69
N MET A 280 16.63 3.47 6.40
CA MET A 280 16.52 2.31 5.51
C MET A 280 17.37 1.15 6.01
N ARG A 281 18.62 1.44 6.35
CA ARG A 281 19.55 0.42 6.80
C ARG A 281 19.12 -0.17 8.15
N GLU A 282 18.52 0.68 8.99
CA GLU A 282 17.98 0.22 10.28
C GLU A 282 16.82 -0.74 10.05
N CYS A 283 15.97 -0.42 9.08
CA CYS A 283 14.85 -1.28 8.72
C CYS A 283 15.33 -2.60 8.13
N TRP A 284 16.55 -2.61 7.61
CA TRP A 284 17.10 -3.79 6.95
C TRP A 284 18.13 -4.54 7.80
N HIS A 285 18.08 -4.34 9.11
CA HIS A 285 18.93 -5.12 10.00
C HIS A 285 18.52 -6.58 9.95
N ALA A 286 19.50 -7.48 9.96
CA ALA A 286 19.24 -8.91 9.86
C ALA A 286 18.32 -9.40 10.97
N ALA A 287 18.62 -9.00 12.20
CA ALA A 287 17.80 -9.35 13.34
C ALA A 287 16.57 -8.44 13.41
N PRO A 288 15.38 -9.04 13.31
CA PRO A 288 14.10 -8.31 13.33
C PRO A 288 13.96 -7.40 14.55
N SER A 289 14.50 -7.83 15.68
CA SER A 289 14.41 -7.05 16.92
C SER A 289 15.35 -5.85 16.93
N GLN A 290 16.31 -5.84 16.01
CA GLN A 290 17.23 -4.71 15.92
C GLN A 290 16.73 -3.67 14.93
N ARG A 291 15.61 -3.95 14.28
CA ARG A 291 14.95 -2.97 13.42
C ARG A 291 14.07 -2.08 14.28
N PRO A 292 13.92 -0.80 13.87
CA PRO A 292 13.01 0.09 14.59
C PRO A 292 11.57 -0.39 14.54
N THR A 293 10.78 -0.05 15.55
CA THR A 293 9.35 -0.32 15.50
C THR A 293 8.70 0.78 14.68
N PHE A 294 7.43 0.60 14.31
CA PHE A 294 6.74 1.63 13.55
C PHE A 294 6.54 2.88 14.39
N LYS A 295 6.40 2.69 15.70
CA LYS A 295 6.30 3.82 16.62
C LYS A 295 7.57 4.67 16.56
N GLN A 296 8.72 4.01 16.54
CA GLN A 296 10.00 4.70 16.46
C GLN A 296 10.18 5.36 15.08
N LEU A 297 9.71 4.70 14.05
CA LEU A 297 9.79 5.24 12.69
C LEU A 297 8.96 6.51 12.57
N VAL A 298 7.75 6.47 13.11
CA VAL A 298 6.84 7.62 13.11
C VAL A 298 7.50 8.83 13.78
N GLU A 299 8.10 8.60 14.95
CA GLU A 299 8.75 9.67 15.71
C GLU A 299 10.01 10.16 15.02
N ALA A 300 10.77 9.24 14.44
CA ALA A 300 11.99 9.61 13.72
C ALA A 300 11.67 10.47 12.51
N LEU A 301 10.69 10.03 11.72
CA LEU A 301 10.30 10.75 10.52
C LEU A 301 9.63 12.09 10.86
N ASP A 302 8.96 12.14 12.00
CA ASP A 302 8.32 13.37 12.45
C ASP A 302 9.34 14.47 12.74
N LYS A 303 10.46 14.09 13.34
CA LYS A 303 11.54 15.04 13.63
C LYS A 303 12.06 15.68 12.36
N VAL A 304 12.30 14.86 11.34
CA VAL A 304 12.77 15.36 10.06
C VAL A 304 11.72 16.25 9.42
N LEU A 305 10.47 15.80 9.48
CA LEU A 305 9.36 16.52 8.86
C LEU A 305 9.17 17.90 9.48
N LEU A 306 9.24 17.96 10.82
CA LEU A 306 9.07 19.23 11.52
C LEU A 306 10.26 20.16 11.30
N ALA A 307 11.42 19.58 11.04
CA ALA A 307 12.64 20.37 10.84
C ALA A 307 12.69 21.01 9.46
N VAL A 308 11.85 20.53 8.55
CA VAL A 308 11.85 21.03 7.18
C VAL A 308 10.50 21.66 6.80
N SER A 309 9.68 21.93 7.80
CA SER A 309 8.36 22.52 7.57
C SER A 309 8.23 23.87 8.28
N GLU A 310 9.29 24.67 8.24
CA GLU A 310 9.32 25.97 8.92
C GLU A 310 8.21 26.90 8.42
CLBD A1EEW B . -5.59 -0.09 -10.18
CBC A1EEW B . -4.62 -0.23 -8.75
CBB A1EEW B . -3.30 0.25 -8.80
NBA A1EEW B . -2.49 0.15 -7.68
CAZ A1EEW B . -3.00 -0.40 -6.51
CAY A1EEW B . -4.30 -0.89 -6.46
CLBE A1EEW B . -4.79 -1.57 -4.93
CAW A1EEW B . -5.13 -0.79 -7.58
CAK A1EEW B . -6.47 -1.26 -7.63
CAX A1EEW B . -6.48 -2.67 -8.22
OAJ A1EEW B . -7.14 -1.30 -6.37
CAA A1EEW B . -7.72 -0.19 -5.84
CAF A1EEW B . -7.41 1.13 -6.18
CAE A1EEW B . -8.04 2.14 -5.58
CAB A1EEW B . -8.67 -0.41 -4.85
CAC A1EEW B . -9.29 0.68 -4.26
CAD A1EEW B . -8.96 1.91 -4.64
NAG A1EEW B . -9.41 3.09 -4.23
NAH A1EEW B . -8.87 3.95 -4.79
CAI A1EEW B . -8.00 3.47 -5.67
NAL A1EEW B . -7.30 4.37 -6.38
CAM A1EEW B . -6.97 4.23 -7.67
CAN A1EEW B . -7.73 4.91 -8.64
CAO A1EEW B . -7.33 4.78 -9.97
NAS A1EEW B . -8.81 5.60 -8.20
CAT A1EEW B . -9.92 5.74 -8.99
OAV A1EEW B . -10.03 5.28 -10.13
CAU A1EEW B . -11.16 6.43 -8.38
CBW A1EEW B . -11.32 7.85 -8.80
NBX A1EEW B . -11.49 8.92 -9.14
CBS A1EEW B . -11.24 6.27 -6.85
CBT A1EEW B . -11.38 4.76 -6.56
CBU A1EEW B . -12.23 3.97 -7.55
CBV A1EEW B . -12.76 4.26 -6.18
CAR A1EEW B . -5.85 3.49 -8.00
FBL A1EEW B . -5.11 2.87 -7.03
CAQ A1EEW B . -5.47 3.38 -9.33
CAP A1EEW B . -6.22 4.02 -10.33
NBF A1EEW B . -5.85 3.91 -11.61
CBK A1EEW B . -6.87 3.97 -12.70
CBJ A1EEW B . -6.29 4.64 -13.94
CBG A1EEW B . -4.45 3.72 -11.97
CBH A1EEW B . -4.39 3.05 -13.32
CBI A1EEW B . -4.95 4.02 -14.39
NBM A1EEW B . -5.07 3.35 -15.70
CBN A1EEW B . -3.78 2.72 -16.03
CBO A1EEW B . -3.60 2.62 -17.54
OBP A1EEW B . -3.47 3.95 -18.10
CBQ A1EEW B . -4.20 4.95 -17.36
CBR A1EEW B . -5.45 4.32 -16.75
S SO4 C . 1.36 -4.41 -10.39
O1 SO4 C . 0.80 -5.34 -9.42
O2 SO4 C . 2.80 -4.57 -10.45
O3 SO4 C . 0.77 -4.68 -11.71
O4 SO4 C . 1.05 -3.04 -10.00
S SO4 D . 22.94 -6.39 10.23
O1 SO4 D . 21.96 -6.23 11.30
O2 SO4 D . 23.79 -7.54 10.50
O3 SO4 D . 22.24 -6.59 8.96
O4 SO4 D . 23.76 -5.18 10.15
S SO4 E . 13.04 1.78 -12.60
O1 SO4 E . 13.50 1.61 -11.23
O2 SO4 E . 13.97 1.09 -13.51
O3 SO4 E . 11.70 1.21 -12.76
O4 SO4 E . 13.01 3.21 -12.94
S SO4 F . -25.98 -3.34 -8.90
O1 SO4 F . -25.33 -3.28 -7.59
O2 SO4 F . -25.00 -3.72 -9.91
O3 SO4 F . -27.07 -4.31 -8.87
O4 SO4 F . -26.53 -2.02 -9.23
S SO4 G . -20.93 3.09 8.86
O1 SO4 G . -20.49 2.07 9.79
O2 SO4 G . -20.27 3.01 7.57
O3 SO4 G . -22.39 3.13 8.68
O4 SO4 G . -20.51 4.40 9.37
S SO4 H . 5.93 0.63 -15.11
O1 SO4 H . 5.50 0.73 -13.73
O2 SO4 H . 7.38 0.34 -15.14
O3 SO4 H . 5.14 -0.37 -15.86
O4 SO4 H . 5.57 1.87 -15.82
S SO4 I . 0.13 1.57 -15.39
O1 SO4 I . -0.29 1.95 -14.07
O2 SO4 I . 1.57 1.55 -15.49
O3 SO4 I . -0.39 0.28 -15.84
O4 SO4 I . -0.38 2.59 -16.27
#